data_6RLZ
#
_entry.id   6RLZ
#
_cell.length_a   98.800
_cell.length_b   98.800
_cell.length_c   94.800
_cell.angle_alpha   90.00
_cell.angle_beta   90.00
_cell.angle_gamma   120.00
#
_symmetry.space_group_name_H-M   'P 64'
#
loop_
_entity.id
_entity.type
_entity.pdbx_description
1 polymer '14-3-3 protein zeta/delta'
2 polymer EtMe
3 water water
#
loop_
_entity_poly.entity_id
_entity_poly.type
_entity_poly.pdbx_seq_one_letter_code
_entity_poly.pdbx_strand_id
1 'polypeptide(L)'
;MDKNELVQKAKLAEQAERYDDMAACMKSVTEQGAELSNEERNLLSVAYKNVVGARRSSWRVVSSIEQKTEGAEKKQQMAR
EYREKIETELRDICNDVLSLLEKFLIPNASQAESKVFYLKMKGDYYRYLAEVAAGDDKKGIVDQSQQAYQEAFEISKKEM
QPTHPIRLGLALNFSVFYYEILNSPEKACSLAKTAFDEAIAELDTLSEESYKDSTLIMQLLRDNLTLWTS
;
A,B
2 'polypeptide(L)' G(R6E)LD(6ZS)LDL C,D
#
# COMPACT_ATOMS: atom_id res chain seq x y z
N LYS A 3 -10.89 -24.70 7.98
CA LYS A 3 -11.27 -25.26 6.65
C LYS A 3 -10.79 -24.32 5.55
N ASN A 4 -11.73 -23.83 4.72
CA ASN A 4 -11.44 -22.81 3.74
C ASN A 4 -11.77 -21.44 4.34
N GLU A 5 -11.82 -21.40 5.67
CA GLU A 5 -12.09 -20.18 6.42
C GLU A 5 -10.99 -19.17 6.15
N LEU A 6 -9.77 -19.68 5.92
CA LEU A 6 -8.62 -18.85 5.60
C LEU A 6 -8.81 -18.23 4.21
N VAL A 7 -9.03 -19.07 3.20
CA VAL A 7 -9.38 -18.61 1.87
C VAL A 7 -10.30 -17.39 2.01
N GLN A 8 -11.40 -17.57 2.75
CA GLN A 8 -12.38 -16.52 2.95
C GLN A 8 -11.70 -15.30 3.56
N LYS A 9 -10.86 -15.52 4.58
CA LYS A 9 -10.07 -14.44 5.18
C LYS A 9 -9.23 -13.78 4.08
N ALA A 10 -8.58 -14.62 3.27
CA ALA A 10 -7.71 -14.13 2.21
C ALA A 10 -8.52 -13.28 1.23
N LYS A 11 -9.64 -13.83 0.75
CA LYS A 11 -10.50 -13.14 -0.19
C LYS A 11 -10.89 -11.78 0.39
N LEU A 12 -11.02 -11.73 1.73
CA LEU A 12 -11.30 -10.48 2.41
C LEU A 12 -10.03 -9.65 2.51
N ALA A 13 -8.92 -10.29 2.87
CA ALA A 13 -7.64 -9.62 2.97
C ALA A 13 -7.25 -9.03 1.62
N GLU A 14 -7.53 -9.78 0.54
CA GLU A 14 -7.38 -9.28 -0.82
C GLU A 14 -8.22 -8.02 -0.97
N GLN A 15 -9.51 -8.14 -0.65
CA GLN A 15 -10.46 -7.05 -0.79
C GLN A 15 -10.04 -5.90 0.12
N ALA A 16 -9.39 -6.23 1.23
CA ALA A 16 -8.99 -5.25 2.23
C ALA A 16 -7.61 -4.67 1.87
N GLU A 17 -7.00 -5.20 0.81
CA GLU A 17 -5.68 -4.79 0.37
C GLU A 17 -4.67 -5.04 1.49
N ARG A 18 -5.00 -5.99 2.37
CA ARG A 18 -4.16 -6.35 3.49
C ARG A 18 -3.30 -7.55 3.12
N TYR A 19 -2.63 -7.45 1.96
CA TYR A 19 -2.03 -8.59 1.29
C TYR A 19 -1.02 -9.30 2.19
N ASP A 20 -0.47 -8.57 3.16
CA ASP A 20 0.44 -9.16 4.14
C ASP A 20 -0.26 -10.31 4.84
N ASP A 21 -1.46 -10.04 5.38
CA ASP A 21 -2.30 -11.06 6.01
C ASP A 21 -2.68 -12.11 4.97
N MET A 22 -3.19 -11.63 3.83
CA MET A 22 -3.67 -12.46 2.74
C MET A 22 -2.67 -13.57 2.48
N ALA A 23 -1.41 -13.19 2.27
CA ALA A 23 -0.33 -14.10 1.88
C ALA A 23 -0.06 -15.09 3.02
N ALA A 24 -0.07 -14.59 4.26
CA ALA A 24 0.10 -15.42 5.43
C ALA A 24 -1.00 -16.49 5.49
N CYS A 25 -2.23 -16.08 5.15
CA CYS A 25 -3.39 -16.97 5.08
C CYS A 25 -3.09 -18.11 4.13
N MET A 26 -2.67 -17.74 2.91
CA MET A 26 -2.44 -18.72 1.85
C MET A 26 -1.14 -19.45 2.10
N LYS A 27 -0.18 -18.77 2.75
CA LYS A 27 1.06 -19.41 3.19
C LYS A 27 0.69 -20.58 4.10
N SER A 28 -0.45 -20.46 4.78
CA SER A 28 -0.93 -21.50 5.67
C SER A 28 -1.70 -22.54 4.87
N VAL A 29 -2.54 -22.09 3.94
CA VAL A 29 -3.26 -22.99 3.04
C VAL A 29 -2.28 -23.94 2.37
N THR A 30 -1.21 -23.36 1.79
CA THR A 30 -0.09 -24.14 1.27
C THR A 30 0.40 -25.10 2.35
N GLU A 31 0.74 -24.54 3.52
CA GLU A 31 1.27 -25.29 4.66
C GLU A 31 0.33 -26.44 5.02
N GLN A 32 -0.96 -26.29 4.66
CA GLN A 32 -1.93 -27.35 4.88
C GLN A 32 -1.56 -28.58 4.05
N GLY A 33 -0.73 -28.36 3.01
CA GLY A 33 -0.14 -29.44 2.25
C GLY A 33 -1.07 -30.00 1.18
N ALA A 34 -1.85 -29.10 0.55
CA ALA A 34 -2.77 -29.47 -0.51
C ALA A 34 -2.42 -28.74 -1.81
N GLU A 35 -2.73 -29.38 -2.95
CA GLU A 35 -2.61 -28.70 -4.22
C GLU A 35 -3.69 -27.64 -4.33
N LEU A 36 -3.28 -26.39 -4.10
CA LEU A 36 -4.19 -25.25 -4.05
C LEU A 36 -4.95 -25.16 -5.38
N SER A 37 -6.25 -24.89 -5.30
CA SER A 37 -7.06 -24.73 -6.50
C SER A 37 -6.58 -23.50 -7.26
N ASN A 38 -6.65 -23.56 -8.59
CA ASN A 38 -6.21 -22.47 -9.45
C ASN A 38 -6.74 -21.14 -8.91
N GLU A 39 -7.90 -21.21 -8.24
CA GLU A 39 -8.46 -20.07 -7.53
C GLU A 39 -7.55 -19.70 -6.36
N GLU A 40 -7.31 -20.66 -5.45
CA GLU A 40 -6.43 -20.50 -4.30
C GLU A 40 -5.05 -20.06 -4.78
N ARG A 41 -4.47 -20.85 -5.68
CA ARG A 41 -3.22 -20.58 -6.36
C ARG A 41 -3.13 -19.08 -6.63
N ASN A 42 -4.07 -18.58 -7.45
CA ASN A 42 -4.13 -17.20 -7.88
C ASN A 42 -4.10 -16.28 -6.67
N LEU A 43 -4.81 -16.67 -5.60
CA LEU A 43 -4.92 -15.85 -4.40
C LEU A 43 -3.57 -15.79 -3.68
N LEU A 44 -2.88 -16.94 -3.59
CA LEU A 44 -1.56 -17.01 -2.98
C LEU A 44 -0.61 -16.07 -3.72
N SER A 45 -0.57 -16.23 -5.04
CA SER A 45 0.24 -15.37 -5.88
C SER A 45 -0.13 -13.91 -5.62
N VAL A 46 -1.39 -13.56 -5.86
CA VAL A 46 -1.87 -12.19 -5.69
C VAL A 46 -1.29 -11.63 -4.40
N ALA A 47 -1.48 -12.36 -3.32
CA ALA A 47 -1.01 -11.99 -1.99
C ALA A 47 0.49 -11.70 -2.02
N TYR A 48 1.28 -12.71 -2.40
CA TYR A 48 2.72 -12.59 -2.38
C TYR A 48 3.22 -11.66 -3.48
N LYS A 49 2.46 -11.54 -4.57
CA LYS A 49 2.84 -10.64 -5.65
C LYS A 49 3.05 -9.24 -5.09
N ASN A 50 2.11 -8.79 -4.25
CA ASN A 50 2.17 -7.46 -3.67
C ASN A 50 3.14 -7.45 -2.49
N VAL A 51 3.28 -8.61 -1.84
CA VAL A 51 4.14 -8.69 -0.69
C VAL A 51 5.59 -8.51 -1.13
N VAL A 52 6.01 -9.22 -2.19
CA VAL A 52 7.35 -9.09 -2.75
C VAL A 52 7.42 -7.79 -3.55
N GLY A 53 6.28 -7.38 -4.12
CA GLY A 53 6.21 -6.20 -4.96
C GLY A 53 6.40 -4.93 -4.13
N ALA A 54 5.83 -4.95 -2.93
CA ALA A 54 5.94 -3.84 -2.00
C ALA A 54 7.42 -3.55 -1.75
N ARG A 55 8.19 -4.62 -1.51
CA ARG A 55 9.58 -4.48 -1.09
C ARG A 55 10.47 -4.14 -2.28
N ARG A 56 10.25 -4.80 -3.42
CA ARG A 56 11.03 -4.52 -4.62
C ARG A 56 10.95 -3.02 -4.93
N SER A 57 9.71 -2.51 -5.04
CA SER A 57 9.46 -1.11 -5.35
C SER A 57 9.98 -0.20 -4.25
N SER A 58 10.15 -0.75 -3.04
CA SER A 58 10.76 -0.04 -1.93
C SER A 58 12.27 0.02 -2.14
N TRP A 59 12.88 -1.17 -2.19
CA TRP A 59 14.30 -1.33 -2.40
C TRP A 59 14.73 -0.52 -3.62
N ARG A 60 13.94 -0.59 -4.68
CA ARG A 60 14.25 0.01 -5.98
C ARG A 60 14.49 1.51 -5.83
N VAL A 61 13.61 2.18 -5.07
CA VAL A 61 13.67 3.64 -4.90
C VAL A 61 14.82 4.00 -3.97
N VAL A 62 14.93 3.25 -2.86
CA VAL A 62 16.01 3.43 -1.91
C VAL A 62 17.35 3.24 -2.63
N SER A 63 17.45 2.17 -3.43
CA SER A 63 18.66 1.83 -4.15
C SER A 63 19.08 2.97 -5.07
N SER A 64 18.11 3.52 -5.80
CA SER A 64 18.36 4.61 -6.73
C SER A 64 18.69 5.89 -5.97
N ILE A 65 18.10 6.03 -4.78
CA ILE A 65 18.34 7.16 -3.90
C ILE A 65 19.69 6.97 -3.20
N GLU A 66 20.13 5.71 -3.09
CA GLU A 66 21.46 5.39 -2.59
C GLU A 66 22.51 6.06 -3.47
N GLN A 67 22.21 6.15 -4.78
N GLN A 67 22.22 6.14 -4.77
CA GLN A 67 23.09 6.81 -5.73
CA GLN A 67 23.10 6.82 -5.72
C GLN A 67 22.86 8.32 -5.68
C GLN A 67 22.87 8.33 -5.65
N LYS A 68 21.64 8.71 -5.30
CA LYS A 68 21.23 10.11 -5.22
C LYS A 68 21.11 10.53 -3.74
N THR A 69 22.25 10.48 -3.04
CA THR A 69 22.31 10.74 -1.60
C THR A 69 22.15 12.24 -1.34
N GLU A 70 21.42 12.57 -0.26
CA GLU A 70 21.17 13.94 0.15
C GLU A 70 22.49 14.70 0.21
N GLY A 71 22.60 15.76 -0.61
CA GLY A 71 23.81 16.56 -0.69
C GLY A 71 25.02 15.70 -1.05
N ALA A 72 25.92 15.50 -0.07
CA ALA A 72 27.10 14.68 -0.24
C ALA A 72 26.72 13.20 -0.23
N GLU A 73 27.72 12.33 -0.04
CA GLU A 73 27.51 10.89 0.02
C GLU A 73 27.53 10.41 1.48
N LYS A 74 27.09 11.29 2.39
CA LYS A 74 27.14 11.02 3.82
C LYS A 74 25.94 10.17 4.24
N LYS A 75 24.80 10.37 3.57
CA LYS A 75 23.59 9.62 3.87
C LYS A 75 23.75 8.17 3.43
N GLN A 76 24.76 7.92 2.58
CA GLN A 76 25.06 6.58 2.09
C GLN A 76 24.88 5.56 3.21
N GLN A 77 25.46 5.83 4.39
CA GLN A 77 25.41 4.94 5.54
C GLN A 77 23.96 4.62 5.90
N MET A 78 23.13 5.66 6.01
CA MET A 78 21.72 5.50 6.37
C MET A 78 20.99 4.80 5.23
N ALA A 79 21.12 5.37 4.01
CA ALA A 79 20.51 4.83 2.81
C ALA A 79 20.74 3.32 2.75
N ARG A 80 22.02 2.92 2.75
CA ARG A 80 22.40 1.52 2.71
C ARG A 80 21.73 0.77 3.87
N GLU A 81 22.06 1.17 5.10
CA GLU A 81 21.55 0.54 6.32
C GLU A 81 20.06 0.21 6.15
N TYR A 82 19.31 1.15 5.58
CA TYR A 82 17.87 0.98 5.43
C TYR A 82 17.56 0.12 4.20
N ARG A 83 18.28 0.36 3.10
CA ARG A 83 18.19 -0.47 1.91
C ARG A 83 18.35 -1.93 2.33
N GLU A 84 19.26 -2.16 3.28
CA GLU A 84 19.53 -3.49 3.80
C GLU A 84 18.37 -3.95 4.67
N LYS A 85 17.74 -3.02 5.39
CA LYS A 85 16.59 -3.33 6.24
C LYS A 85 15.48 -3.91 5.38
N ILE A 86 15.29 -3.30 4.20
CA ILE A 86 14.34 -3.76 3.21
C ILE A 86 14.80 -5.11 2.66
N GLU A 87 16.07 -5.16 2.24
CA GLU A 87 16.69 -6.34 1.62
C GLU A 87 16.47 -7.58 2.49
N THR A 88 16.70 -7.42 3.81
CA THR A 88 16.41 -8.43 4.81
C THR A 88 14.98 -8.94 4.60
N GLU A 89 13.99 -8.05 4.77
CA GLU A 89 12.58 -8.37 4.66
C GLU A 89 12.29 -9.08 3.33
N LEU A 90 12.77 -8.48 2.23
CA LEU A 90 12.52 -8.97 0.89
C LEU A 90 12.98 -10.42 0.78
N ARG A 91 14.17 -10.70 1.32
CA ARG A 91 14.74 -12.04 1.26
C ARG A 91 13.86 -13.02 2.04
N ASP A 92 13.40 -12.59 3.22
CA ASP A 92 12.54 -13.41 4.06
C ASP A 92 11.33 -13.85 3.25
N ILE A 93 10.65 -12.87 2.64
CA ILE A 93 9.45 -13.06 1.84
C ILE A 93 9.77 -13.97 0.66
N CYS A 94 10.88 -13.69 -0.02
CA CYS A 94 11.33 -14.47 -1.16
C CYS A 94 11.51 -15.93 -0.76
N ASN A 95 12.41 -16.16 0.21
CA ASN A 95 12.70 -17.49 0.73
C ASN A 95 11.41 -18.18 1.16
N ASP A 96 10.56 -17.45 1.89
CA ASP A 96 9.27 -17.92 2.36
C ASP A 96 8.51 -18.50 1.18
N VAL A 97 8.34 -17.69 0.14
CA VAL A 97 7.69 -18.09 -1.10
C VAL A 97 8.46 -19.29 -1.68
N LEU A 98 9.79 -19.16 -1.76
CA LEU A 98 10.61 -20.19 -2.36
C LEU A 98 10.41 -21.52 -1.65
N SER A 99 10.42 -21.48 -0.31
CA SER A 99 10.14 -22.66 0.51
C SER A 99 8.82 -23.29 0.07
N LEU A 100 7.72 -22.51 0.15
CA LEU A 100 6.40 -22.94 -0.25
C LEU A 100 6.49 -23.70 -1.57
N LEU A 101 7.27 -23.14 -2.51
CA LEU A 101 7.44 -23.73 -3.83
C LEU A 101 8.15 -25.07 -3.73
N GLU A 102 9.31 -25.08 -3.06
CA GLU A 102 10.10 -26.28 -2.92
C GLU A 102 9.30 -27.33 -2.15
N LYS A 103 8.65 -26.90 -1.07
CA LYS A 103 8.06 -27.79 -0.09
C LYS A 103 6.70 -28.31 -0.58
N PHE A 104 5.81 -27.40 -1.00
CA PHE A 104 4.43 -27.76 -1.25
C PHE A 104 4.06 -27.63 -2.73
N LEU A 105 4.21 -26.42 -3.27
CA LEU A 105 3.62 -26.04 -4.54
C LEU A 105 4.07 -26.97 -5.65
N ILE A 106 5.37 -26.90 -5.99
CA ILE A 106 5.93 -27.65 -7.11
C ILE A 106 5.65 -29.15 -6.92
N PRO A 107 6.04 -29.77 -5.78
CA PRO A 107 5.86 -31.22 -5.61
C PRO A 107 4.41 -31.68 -5.41
N ASN A 108 3.47 -30.74 -5.33
CA ASN A 108 2.06 -31.06 -5.17
C ASN A 108 1.30 -30.82 -6.46
N ALA A 109 1.67 -29.75 -7.17
CA ALA A 109 1.03 -29.37 -8.42
C ALA A 109 0.99 -30.57 -9.38
N SER A 110 -0.24 -31.03 -9.65
CA SER A 110 -0.48 -32.17 -10.53
C SER A 110 -0.61 -31.70 -11.97
N GLN A 111 -1.45 -30.69 -12.19
CA GLN A 111 -1.65 -30.09 -13.51
C GLN A 111 -0.32 -29.57 -14.03
N ALA A 112 -0.01 -29.92 -15.28
CA ALA A 112 1.22 -29.49 -15.94
C ALA A 112 1.32 -27.97 -15.93
N GLU A 113 0.21 -27.30 -16.25
CA GLU A 113 0.10 -25.84 -16.28
C GLU A 113 0.55 -25.27 -14.94
N SER A 114 -0.04 -25.80 -13.85
CA SER A 114 0.26 -25.38 -12.49
C SER A 114 1.76 -25.41 -12.24
N LYS A 115 2.39 -26.54 -12.60
CA LYS A 115 3.83 -26.72 -12.42
C LYS A 115 4.55 -25.51 -13.01
N VAL A 116 4.30 -25.22 -14.30
CA VAL A 116 4.90 -24.08 -14.95
C VAL A 116 4.81 -22.87 -14.01
N PHE A 117 3.57 -22.58 -13.58
CA PHE A 117 3.27 -21.40 -12.77
C PHE A 117 4.21 -21.31 -11.58
N TYR A 118 4.23 -22.37 -10.77
CA TYR A 118 5.00 -22.35 -9.53
C TYR A 118 6.48 -22.23 -9.85
N LEU A 119 6.96 -23.01 -10.82
CA LEU A 119 8.34 -22.95 -11.24
C LEU A 119 8.68 -21.51 -11.62
N LYS A 120 7.79 -20.88 -12.37
CA LYS A 120 7.94 -19.48 -12.74
C LYS A 120 8.09 -18.66 -11.46
N MET A 121 7.20 -18.90 -10.49
CA MET A 121 7.34 -18.26 -9.19
C MET A 121 8.77 -18.50 -8.71
N LYS A 122 9.19 -19.77 -8.69
CA LYS A 122 10.53 -20.12 -8.28
C LYS A 122 11.49 -19.13 -8.95
N GLY A 123 11.55 -19.18 -10.28
CA GLY A 123 12.35 -18.26 -11.06
C GLY A 123 12.13 -16.83 -10.60
N ASP A 124 10.87 -16.39 -10.64
CA ASP A 124 10.49 -15.04 -10.25
C ASP A 124 11.15 -14.68 -8.93
N TYR A 125 10.87 -15.48 -7.89
CA TYR A 125 11.24 -15.11 -6.54
C TYR A 125 12.74 -15.24 -6.36
N TYR A 126 13.35 -16.20 -7.06
CA TYR A 126 14.79 -16.36 -7.08
C TYR A 126 15.44 -15.16 -7.77
N ARG A 127 14.78 -14.66 -8.81
CA ARG A 127 15.24 -13.51 -9.56
C ARG A 127 15.13 -12.27 -8.69
N TYR A 128 14.18 -12.28 -7.75
CA TYR A 128 14.00 -11.15 -6.85
C TYR A 128 15.16 -11.09 -5.87
N LEU A 129 15.74 -12.26 -5.59
CA LEU A 129 16.92 -12.38 -4.76
C LEU A 129 18.13 -11.81 -5.52
N ALA A 130 18.31 -12.25 -6.77
CA ALA A 130 19.45 -11.84 -7.58
C ALA A 130 19.55 -10.32 -7.61
N GLU A 131 18.43 -9.66 -7.88
CA GLU A 131 18.31 -8.20 -7.86
C GLU A 131 19.05 -7.65 -6.64
N VAL A 132 18.77 -8.22 -5.46
CA VAL A 132 19.33 -7.72 -4.21
C VAL A 132 20.66 -8.40 -3.94
N ALA A 133 20.92 -9.53 -4.61
CA ALA A 133 22.03 -10.40 -4.29
C ALA A 133 23.35 -9.75 -4.70
N ALA A 134 23.78 -8.76 -3.92
CA ALA A 134 25.14 -8.25 -4.02
C ALA A 134 26.09 -9.29 -3.43
N GLY A 135 27.38 -8.96 -3.43
CA GLY A 135 28.42 -9.90 -3.03
C GLY A 135 28.72 -10.88 -4.16
N ASP A 136 29.02 -12.12 -3.78
CA ASP A 136 29.48 -13.13 -4.72
C ASP A 136 28.37 -14.15 -4.96
N ASP A 137 27.18 -13.86 -4.44
CA ASP A 137 26.07 -14.78 -4.43
C ASP A 137 25.40 -14.81 -5.80
N LYS A 138 25.22 -13.63 -6.41
CA LYS A 138 24.45 -13.44 -7.64
C LYS A 138 24.70 -14.58 -8.64
N LYS A 139 25.92 -14.64 -9.17
CA LYS A 139 26.30 -15.55 -10.24
C LYS A 139 25.62 -16.92 -10.05
N GLY A 140 25.65 -17.42 -8.80
CA GLY A 140 25.00 -18.67 -8.45
C GLY A 140 23.48 -18.52 -8.37
N ILE A 141 23.02 -17.49 -7.66
CA ILE A 141 21.61 -17.25 -7.40
C ILE A 141 20.89 -16.89 -8.70
N VAL A 142 21.57 -16.17 -9.59
CA VAL A 142 21.01 -15.84 -10.89
C VAL A 142 20.82 -17.12 -11.70
N ASP A 143 21.78 -18.04 -11.57
CA ASP A 143 21.67 -19.33 -12.27
C ASP A 143 20.71 -20.25 -11.54
N GLN A 144 20.40 -19.93 -10.27
CA GLN A 144 19.42 -20.66 -9.50
C GLN A 144 18.01 -20.20 -9.91
N SER A 145 17.89 -18.90 -10.23
CA SER A 145 16.68 -18.36 -10.83
C SER A 145 16.48 -18.94 -12.23
N GLN A 146 17.58 -19.01 -12.98
CA GLN A 146 17.58 -19.49 -14.37
C GLN A 146 17.10 -20.93 -14.39
N GLN A 147 17.84 -21.82 -13.71
CA GLN A 147 17.43 -23.20 -13.48
C GLN A 147 15.91 -23.26 -13.40
N ALA A 148 15.35 -22.48 -12.48
CA ALA A 148 13.93 -22.49 -12.16
C ALA A 148 13.10 -22.08 -13.37
N TYR A 149 13.52 -21.00 -14.05
CA TYR A 149 12.81 -20.48 -15.19
C TYR A 149 12.86 -21.48 -16.34
N GLN A 150 14.01 -22.14 -16.51
CA GLN A 150 14.24 -23.06 -17.61
C GLN A 150 13.33 -24.28 -17.45
N GLU A 151 13.30 -24.83 -16.22
CA GLU A 151 12.45 -25.97 -15.90
C GLU A 151 11.01 -25.63 -16.26
N ALA A 152 10.60 -24.39 -15.94
CA ALA A 152 9.27 -23.88 -16.26
C ALA A 152 9.09 -23.81 -17.78
N PHE A 153 10.09 -23.22 -18.47
CA PHE A 153 10.05 -23.08 -19.91
C PHE A 153 9.88 -24.45 -20.57
N GLU A 154 10.71 -25.40 -20.13
CA GLU A 154 10.67 -26.77 -20.61
C GLU A 154 9.24 -27.29 -20.55
N ILE A 155 8.59 -27.10 -19.40
CA ILE A 155 7.25 -27.62 -19.18
C ILE A 155 6.25 -26.82 -20.03
N SER A 156 6.49 -25.51 -20.16
CA SER A 156 5.59 -24.65 -20.89
C SER A 156 5.57 -25.04 -22.37
N LYS A 157 6.74 -25.04 -23.00
CA LYS A 157 6.87 -25.37 -24.41
C LYS A 157 6.48 -26.83 -24.66
N LYS A 158 6.04 -27.52 -23.59
CA LYS A 158 5.62 -28.91 -23.70
C LYS A 158 4.10 -29.00 -23.61
N GLU A 159 3.56 -28.92 -22.38
CA GLU A 159 2.15 -29.13 -22.14
C GLU A 159 1.45 -27.79 -21.86
N MET A 160 1.62 -26.84 -22.79
CA MET A 160 0.98 -25.53 -22.73
C MET A 160 1.02 -24.87 -24.11
N GLN A 161 -0.18 -24.53 -24.62
CA GLN A 161 -0.35 -23.87 -25.90
C GLN A 161 0.30 -22.49 -25.83
N PRO A 162 0.74 -21.91 -26.98
CA PRO A 162 1.48 -20.65 -26.97
C PRO A 162 0.70 -19.42 -26.48
N THR A 163 -0.62 -19.55 -26.37
CA THR A 163 -1.43 -18.41 -25.96
C THR A 163 -1.55 -18.35 -24.44
N HIS A 164 -1.37 -19.50 -23.78
CA HIS A 164 -1.60 -19.63 -22.35
C HIS A 164 -0.92 -18.48 -21.60
N PRO A 165 -1.71 -17.64 -20.88
CA PRO A 165 -1.16 -16.47 -20.18
C PRO A 165 -0.04 -16.84 -19.22
N ILE A 166 -0.09 -18.05 -18.65
CA ILE A 166 0.95 -18.49 -17.74
C ILE A 166 2.25 -18.68 -18.52
N ARG A 167 2.16 -19.39 -19.66
CA ARG A 167 3.33 -19.61 -20.51
C ARG A 167 3.89 -18.28 -20.97
N LEU A 168 3.00 -17.36 -21.35
CA LEU A 168 3.37 -16.00 -21.74
C LEU A 168 3.80 -15.23 -20.50
N GLY A 169 3.08 -15.44 -19.39
CA GLY A 169 3.47 -14.89 -18.10
C GLY A 169 4.89 -15.30 -17.74
N LEU A 170 5.19 -16.59 -17.94
CA LEU A 170 6.53 -17.13 -17.76
C LEU A 170 7.49 -16.43 -18.70
N ALA A 171 7.15 -16.46 -20.00
CA ALA A 171 7.97 -15.91 -21.05
C ALA A 171 8.46 -14.54 -20.64
N LEU A 172 7.51 -13.62 -20.42
CA LEU A 172 7.79 -12.25 -20.06
C LEU A 172 8.65 -12.20 -18.80
N ASN A 173 8.20 -12.89 -17.76
CA ASN A 173 8.94 -12.93 -16.51
C ASN A 173 10.36 -13.45 -16.75
N PHE A 174 10.50 -14.46 -17.64
CA PHE A 174 11.80 -15.06 -17.93
C PHE A 174 12.58 -14.21 -18.92
N SER A 175 11.86 -13.47 -19.77
CA SER A 175 12.49 -12.62 -20.78
C SER A 175 13.12 -11.41 -20.11
N VAL A 176 12.47 -10.93 -19.03
CA VAL A 176 12.93 -9.79 -18.26
C VAL A 176 14.14 -10.22 -17.44
N PHE A 177 14.19 -11.51 -17.12
CA PHE A 177 15.27 -12.10 -16.36
C PHE A 177 16.58 -11.99 -17.14
N TYR A 178 16.57 -12.47 -18.39
CA TYR A 178 17.75 -12.48 -19.25
C TYR A 178 18.29 -11.06 -19.40
N TYR A 179 17.38 -10.09 -19.56
CA TYR A 179 17.75 -8.70 -19.70
C TYR A 179 18.23 -8.16 -18.35
N GLU A 180 17.26 -7.83 -17.48
CA GLU A 180 17.50 -7.08 -16.25
C GLU A 180 18.56 -7.78 -15.40
N ILE A 181 18.54 -9.11 -15.40
CA ILE A 181 19.35 -9.88 -14.46
C ILE A 181 20.62 -10.37 -15.14
N LEU A 182 20.50 -11.33 -16.07
CA LEU A 182 21.67 -11.92 -16.71
C LEU A 182 22.45 -10.87 -17.51
N ASN A 183 21.73 -9.82 -17.94
CA ASN A 183 22.28 -8.75 -18.75
C ASN A 183 22.82 -9.32 -20.07
N SER A 184 21.92 -9.97 -20.80
CA SER A 184 22.21 -10.59 -22.09
C SER A 184 21.03 -10.36 -23.04
N PRO A 185 20.78 -9.10 -23.50
CA PRO A 185 19.64 -8.81 -24.37
C PRO A 185 19.49 -9.82 -25.50
N GLU A 186 20.63 -10.28 -26.04
CA GLU A 186 20.69 -11.25 -27.12
C GLU A 186 19.77 -12.43 -26.82
N LYS A 187 19.93 -13.00 -25.61
CA LYS A 187 19.17 -14.16 -25.20
C LYS A 187 17.76 -13.72 -24.79
N ALA A 188 17.67 -12.55 -24.16
CA ALA A 188 16.42 -12.02 -23.63
C ALA A 188 15.45 -11.74 -24.78
N CYS A 189 15.91 -10.94 -25.75
CA CYS A 189 15.07 -10.47 -26.84
C CYS A 189 14.53 -11.67 -27.64
N SER A 190 15.41 -12.62 -27.93
CA SER A 190 15.04 -13.78 -28.72
C SER A 190 13.87 -14.50 -28.06
N LEU A 191 14.07 -14.92 -26.80
CA LEU A 191 13.08 -15.69 -26.05
C LEU A 191 11.73 -14.99 -26.10
N ALA A 192 11.74 -13.69 -25.84
CA ALA A 192 10.53 -12.88 -25.83
C ALA A 192 9.86 -12.98 -27.21
N LYS A 193 10.60 -12.61 -28.25
CA LYS A 193 10.14 -12.76 -29.63
C LYS A 193 9.59 -14.16 -29.81
N THR A 194 10.45 -15.17 -29.60
CA THR A 194 10.10 -16.57 -29.77
C THR A 194 8.68 -16.85 -29.29
N ALA A 195 8.41 -16.55 -28.01
CA ALA A 195 7.14 -16.86 -27.38
C ALA A 195 6.01 -16.07 -28.04
N PHE A 196 6.19 -14.74 -28.15
CA PHE A 196 5.23 -13.83 -28.75
C PHE A 196 5.04 -14.17 -30.23
N ASP A 197 6.16 -14.34 -30.93
CA ASP A 197 6.21 -14.70 -32.34
C ASP A 197 5.45 -16.01 -32.55
N GLU A 198 5.61 -16.96 -31.62
CA GLU A 198 4.98 -18.27 -31.67
C GLU A 198 3.51 -18.16 -31.27
N ALA A 199 3.18 -17.13 -30.49
CA ALA A 199 1.84 -16.94 -29.94
C ALA A 199 0.97 -16.16 -30.92
N ILE A 200 1.60 -15.66 -31.99
CA ILE A 200 0.92 -14.84 -32.98
C ILE A 200 0.18 -15.74 -33.97
N ALA A 201 0.88 -16.79 -34.46
CA ALA A 201 0.33 -17.75 -35.40
C ALA A 201 -1.10 -18.13 -35.00
N GLU A 202 -1.29 -18.31 -33.68
CA GLU A 202 -2.61 -18.53 -33.09
C GLU A 202 -3.32 -17.18 -32.97
N LEU A 203 -3.92 -16.73 -34.09
CA LEU A 203 -4.70 -15.52 -34.15
C LEU A 203 -6.19 -15.81 -33.91
N ASP A 204 -6.49 -17.08 -33.57
CA ASP A 204 -7.82 -17.54 -33.18
C ASP A 204 -8.89 -17.11 -34.17
N THR A 205 -8.82 -17.62 -35.41
CA THR A 205 -9.83 -17.34 -36.43
C THR A 205 -11.14 -18.04 -36.06
N SER A 207 -11.99 -20.65 -33.15
CA SER A 207 -12.54 -19.48 -32.41
C SER A 207 -12.38 -19.70 -30.91
N GLU A 208 -11.17 -20.14 -30.53
CA GLU A 208 -10.79 -20.43 -29.15
C GLU A 208 -9.44 -19.78 -28.86
N GLU A 209 -9.39 -18.99 -27.77
CA GLU A 209 -8.16 -18.34 -27.33
C GLU A 209 -8.20 -18.13 -25.82
N SER A 210 -7.34 -17.22 -25.34
CA SER A 210 -7.30 -16.82 -23.95
C SER A 210 -7.70 -15.36 -23.81
N TYR A 211 -8.38 -14.84 -24.85
CA TYR A 211 -9.06 -13.56 -24.85
C TYR A 211 -8.05 -12.42 -24.65
N LYS A 212 -8.25 -11.61 -23.59
CA LYS A 212 -7.46 -10.41 -23.37
C LYS A 212 -6.23 -10.73 -22.52
N ASP A 213 -6.44 -11.53 -21.47
CA ASP A 213 -5.38 -11.91 -20.56
C ASP A 213 -4.10 -12.24 -21.35
N SER A 214 -4.25 -13.09 -22.37
CA SER A 214 -3.12 -13.53 -23.18
C SER A 214 -2.55 -12.37 -23.99
N THR A 215 -3.46 -11.59 -24.60
CA THR A 215 -3.09 -10.44 -25.42
C THR A 215 -2.41 -9.36 -24.58
N LEU A 216 -2.83 -9.24 -23.30
CA LEU A 216 -2.31 -8.25 -22.38
C LEU A 216 -0.81 -8.45 -22.21
N ILE A 217 -0.40 -9.72 -22.25
CA ILE A 217 0.99 -10.09 -22.06
C ILE A 217 1.77 -9.76 -23.32
N MET A 218 1.25 -10.19 -24.48
CA MET A 218 1.86 -9.89 -25.77
C MET A 218 2.32 -8.44 -25.78
N GLN A 219 1.45 -7.54 -25.33
CA GLN A 219 1.70 -6.12 -25.35
C GLN A 219 2.91 -5.82 -24.45
N LEU A 220 2.90 -6.40 -23.25
CA LEU A 220 4.04 -6.27 -22.34
C LEU A 220 5.28 -6.81 -23.02
N LEU A 221 5.16 -8.05 -23.54
CA LEU A 221 6.21 -8.74 -24.26
C LEU A 221 6.83 -7.83 -25.33
N ARG A 222 6.00 -7.35 -26.27
CA ARG A 222 6.46 -6.53 -27.37
C ARG A 222 6.93 -5.17 -26.85
N ASP A 223 6.26 -4.67 -25.80
CA ASP A 223 6.59 -3.39 -25.21
C ASP A 223 7.94 -3.50 -24.51
N ASN A 224 8.23 -4.71 -23.99
CA ASN A 224 9.56 -5.04 -23.50
C ASN A 224 10.51 -5.14 -24.69
N LEU A 225 10.14 -5.97 -25.68
CA LEU A 225 10.95 -6.20 -26.86
C LEU A 225 11.40 -4.88 -27.48
N THR A 226 10.47 -3.92 -27.58
CA THR A 226 10.72 -2.66 -28.26
C THR A 226 11.63 -1.78 -27.41
N LEU A 227 11.56 -1.92 -26.08
CA LEU A 227 12.43 -1.20 -25.16
C LEU A 227 13.87 -1.68 -25.33
N TRP A 228 14.05 -3.01 -25.37
CA TRP A 228 15.37 -3.61 -25.51
C TRP A 228 15.86 -3.48 -26.95
N THR A 229 14.90 -3.33 -27.88
CA THR A 229 15.18 -2.99 -29.27
C THR A 229 16.08 -1.76 -29.30
N SER A 230 15.77 -0.77 -28.46
CA SER A 230 16.62 0.38 -28.24
C SER A 230 17.57 0.11 -27.06
N ASP B 2 19.25 11.33 17.90
CA ASP B 2 18.53 12.62 18.08
C ASP B 2 17.23 12.57 17.28
N LYS B 3 16.85 13.73 16.72
CA LYS B 3 15.61 13.90 15.97
C LYS B 3 15.86 13.80 14.47
N ASN B 4 16.94 14.44 14.01
CA ASN B 4 17.33 14.44 12.61
C ASN B 4 17.75 13.03 12.18
N GLU B 5 18.42 12.32 13.10
CA GLU B 5 18.87 10.95 12.89
C GLU B 5 17.71 10.06 12.45
N LEU B 6 16.48 10.62 12.48
CA LEU B 6 15.28 9.90 12.11
C LEU B 6 14.37 10.77 11.25
N VAL B 7 14.91 11.91 10.78
CA VAL B 7 14.13 12.79 9.91
C VAL B 7 14.50 12.49 8.46
N GLN B 8 15.71 11.96 8.26
CA GLN B 8 16.18 11.56 6.95
C GLN B 8 15.59 10.19 6.61
N LYS B 9 15.64 9.28 7.60
CA LYS B 9 15.17 7.92 7.46
C LYS B 9 13.69 7.92 7.08
N ALA B 10 12.89 8.71 7.81
CA ALA B 10 11.46 8.81 7.58
C ALA B 10 11.20 9.39 6.19
N LYS B 11 11.96 10.43 5.83
CA LYS B 11 11.85 11.06 4.53
C LYS B 11 12.04 9.99 3.44
N LEU B 12 12.93 9.03 3.73
CA LEU B 12 13.23 7.94 2.80
C LEU B 12 12.13 6.88 2.87
N ALA B 13 11.52 6.72 4.05
CA ALA B 13 10.43 5.78 4.22
C ALA B 13 9.23 6.22 3.39
N GLU B 14 8.99 7.53 3.33
CA GLU B 14 8.00 8.10 2.42
C GLU B 14 8.37 7.68 1.00
N GLN B 15 9.60 8.01 0.59
CA GLN B 15 10.15 7.69 -0.72
C GLN B 15 9.89 6.22 -1.04
N ALA B 16 10.02 5.37 -0.01
CA ALA B 16 9.97 3.92 -0.17
C ALA B 16 8.62 3.37 0.27
N GLU B 17 7.63 4.26 0.43
CA GLU B 17 6.24 3.88 0.65
C GLU B 17 6.14 2.92 1.83
N ARG B 18 6.99 3.10 2.85
CA ARG B 18 6.96 2.27 4.03
C ARG B 18 6.49 3.11 5.21
N TYR B 19 5.22 3.50 5.17
CA TYR B 19 4.70 4.52 6.07
C TYR B 19 4.69 4.01 7.51
N ASP B 20 4.65 2.67 7.69
CA ASP B 20 4.69 2.05 9.01
C ASP B 20 6.04 2.32 9.67
N ASP B 21 7.10 2.21 8.87
CA ASP B 21 8.43 2.63 9.29
C ASP B 21 8.41 4.14 9.44
N MET B 22 7.95 4.85 8.41
CA MET B 22 7.92 6.30 8.41
C MET B 22 7.31 6.82 9.70
N ALA B 23 6.15 6.28 10.07
CA ALA B 23 5.43 6.66 11.27
C ALA B 23 6.31 6.41 12.49
N ALA B 24 6.94 5.22 12.53
CA ALA B 24 7.72 4.77 13.67
C ALA B 24 8.95 5.66 13.89
N CYS B 25 9.41 6.31 12.81
CA CYS B 25 10.54 7.23 12.88
C CYS B 25 10.10 8.56 13.48
N MET B 26 8.89 8.99 13.10
CA MET B 26 8.31 10.25 13.56
C MET B 26 7.95 10.16 15.04
N LYS B 27 7.46 8.99 15.46
CA LYS B 27 7.15 8.70 16.85
C LYS B 27 8.37 8.99 17.72
N SER B 28 9.52 8.47 17.28
CA SER B 28 10.80 8.67 17.97
C SER B 28 11.23 10.13 17.86
N VAL B 29 10.90 10.78 16.74
CA VAL B 29 11.24 12.17 16.52
C VAL B 29 10.42 13.05 17.48
N THR B 30 9.18 12.65 17.75
CA THR B 30 8.36 13.31 18.75
C THR B 30 8.87 12.95 20.14
N GLU B 31 9.16 11.66 20.36
CA GLU B 31 9.68 11.16 21.62
C GLU B 31 11.02 11.81 21.95
N GLN B 32 11.63 12.44 20.94
CA GLN B 32 12.85 13.23 21.12
C GLN B 32 12.59 14.32 22.15
N GLY B 33 11.43 14.98 22.03
CA GLY B 33 11.04 16.05 22.93
C GLY B 33 11.29 17.41 22.30
N ALA B 34 10.61 17.67 21.18
CA ALA B 34 10.78 18.92 20.44
C ALA B 34 9.47 19.30 19.77
N GLU B 35 9.22 20.62 19.71
CA GLU B 35 8.16 21.15 18.88
C GLU B 35 8.57 20.87 17.43
N LEU B 36 7.80 19.99 16.77
CA LEU B 36 8.09 19.52 15.43
C LEU B 36 8.19 20.69 14.47
N SER B 37 9.03 20.55 13.43
CA SER B 37 9.13 21.57 12.40
C SER B 37 7.89 21.51 11.51
N ASN B 38 7.94 22.20 10.37
CA ASN B 38 6.89 22.05 9.36
C ASN B 38 7.19 20.79 8.57
N GLU B 39 8.46 20.61 8.19
CA GLU B 39 8.93 19.41 7.52
C GLU B 39 8.57 18.19 8.37
N GLU B 40 8.95 18.24 9.65
CA GLU B 40 8.88 17.09 10.55
C GLU B 40 7.44 16.81 10.97
N ARG B 41 6.64 17.87 11.19
CA ARG B 41 5.24 17.71 11.51
C ARG B 41 4.54 17.00 10.36
N ASN B 42 4.60 17.61 9.17
CA ASN B 42 3.96 17.11 7.97
C ASN B 42 4.24 15.63 7.81
N LEU B 43 5.53 15.26 7.92
CA LEU B 43 5.97 13.88 7.79
C LEU B 43 5.16 12.99 8.74
N LEU B 44 5.15 13.36 10.04
CA LEU B 44 4.37 12.62 11.03
C LEU B 44 2.97 12.37 10.47
N SER B 45 2.30 13.43 10.02
CA SER B 45 0.99 13.30 9.43
C SER B 45 1.04 12.35 8.24
N VAL B 46 1.81 12.70 7.20
CA VAL B 46 1.96 11.90 5.99
C VAL B 46 2.17 10.44 6.39
N ALA B 47 3.08 10.21 7.35
CA ALA B 47 3.38 8.88 7.84
C ALA B 47 2.12 8.23 8.41
N TYR B 48 1.58 8.83 9.49
CA TYR B 48 0.52 8.20 10.25
C TYR B 48 -0.81 8.24 9.49
N LYS B 49 -1.02 9.29 8.69
CA LYS B 49 -2.23 9.45 7.89
C LYS B 49 -2.36 8.26 6.95
N ASN B 50 -1.22 7.82 6.42
CA ASN B 50 -1.14 6.69 5.51
C ASN B 50 -1.32 5.38 6.27
N VAL B 51 -0.87 5.35 7.53
CA VAL B 51 -0.99 4.16 8.35
C VAL B 51 -2.45 3.98 8.73
N VAL B 52 -3.04 5.00 9.36
CA VAL B 52 -4.45 4.98 9.72
C VAL B 52 -5.28 4.83 8.45
N GLY B 53 -4.97 5.65 7.43
CA GLY B 53 -5.67 5.63 6.16
C GLY B 53 -5.83 4.21 5.63
N ALA B 54 -4.73 3.45 5.63
CA ALA B 54 -4.71 2.07 5.16
C ALA B 54 -5.74 1.24 5.93
N ARG B 55 -5.70 1.35 7.26
CA ARG B 55 -6.61 0.63 8.13
C ARG B 55 -8.05 1.09 7.90
N ARG B 56 -8.24 2.41 7.86
CA ARG B 56 -9.57 3.00 7.70
C ARG B 56 -10.18 2.54 6.38
N SER B 57 -9.37 2.54 5.31
CA SER B 57 -9.83 2.13 3.99
C SER B 57 -9.92 0.60 3.90
N SER B 58 -9.12 -0.09 4.71
CA SER B 58 -9.22 -1.54 4.86
C SER B 58 -10.51 -1.88 5.61
N TRP B 59 -10.77 -1.15 6.69
CA TRP B 59 -11.93 -1.41 7.54
C TRP B 59 -13.22 -1.17 6.75
N ARG B 60 -13.23 -0.12 5.93
CA ARG B 60 -14.39 0.30 5.17
C ARG B 60 -14.83 -0.80 4.21
N VAL B 61 -13.86 -1.50 3.63
CA VAL B 61 -14.15 -2.53 2.64
C VAL B 61 -14.58 -3.82 3.33
N VAL B 62 -14.00 -4.09 4.51
CA VAL B 62 -14.34 -5.29 5.27
C VAL B 62 -15.72 -5.10 5.90
N SER B 63 -15.94 -3.91 6.48
CA SER B 63 -17.25 -3.53 6.99
C SER B 63 -18.29 -3.67 5.90
N SER B 64 -17.95 -3.14 4.71
CA SER B 64 -18.81 -3.21 3.53
C SER B 64 -19.10 -4.66 3.15
N ILE B 65 -18.12 -5.55 3.34
CA ILE B 65 -18.24 -6.96 3.02
C ILE B 65 -19.18 -7.63 4.02
N GLU B 66 -19.21 -7.09 5.24
CA GLU B 66 -20.10 -7.58 6.28
C GLU B 66 -21.56 -7.31 5.88
N GLN B 67 -21.75 -6.42 4.90
CA GLN B 67 -23.06 -6.19 4.29
C GLN B 67 -23.35 -7.30 3.28
N LYS B 68 -23.22 -8.54 3.77
CA LYS B 68 -23.57 -9.76 3.05
C LYS B 68 -24.11 -10.78 4.05
N THR B 69 -23.67 -10.66 5.31
CA THR B 69 -24.21 -11.39 6.44
C THR B 69 -23.89 -10.62 7.73
N GLU B 70 -24.88 -10.58 8.63
CA GLU B 70 -24.93 -9.60 9.71
C GLU B 70 -24.31 -10.19 10.98
N GLY B 71 -24.62 -9.56 12.12
CA GLY B 71 -24.06 -9.87 13.42
C GLY B 71 -24.18 -11.34 13.81
N ALA B 72 -25.25 -12.00 13.35
CA ALA B 72 -25.48 -13.40 13.69
C ALA B 72 -25.74 -14.22 12.44
N GLU B 73 -24.68 -14.85 11.93
CA GLU B 73 -24.64 -15.66 10.71
C GLU B 73 -23.43 -16.58 10.76
N LYS B 74 -23.37 -17.53 9.82
CA LYS B 74 -22.25 -18.45 9.71
C LYS B 74 -21.49 -18.20 8.41
N LYS B 75 -21.61 -16.99 7.87
CA LYS B 75 -20.94 -16.60 6.64
C LYS B 75 -20.38 -15.18 6.75
N GLN B 76 -21.04 -14.29 7.50
CA GLN B 76 -20.49 -12.97 7.76
C GLN B 76 -20.10 -12.82 9.22
N GLN B 77 -19.69 -13.95 9.83
CA GLN B 77 -19.21 -13.99 11.20
C GLN B 77 -17.69 -13.87 11.20
N MET B 78 -17.07 -14.27 10.08
CA MET B 78 -15.63 -14.26 9.93
C MET B 78 -15.17 -12.86 9.53
N ALA B 79 -16.05 -12.12 8.85
CA ALA B 79 -15.81 -10.76 8.46
C ALA B 79 -15.71 -9.87 9.69
N ARG B 80 -16.77 -9.87 10.50
CA ARG B 80 -16.88 -9.11 11.74
C ARG B 80 -15.66 -9.39 12.61
N GLU B 81 -15.20 -10.64 12.62
CA GLU B 81 -14.08 -11.04 13.44
C GLU B 81 -12.79 -10.48 12.88
N TYR B 82 -12.72 -10.34 11.56
CA TYR B 82 -11.55 -9.78 10.87
C TYR B 82 -11.62 -8.27 10.91
N ARG B 83 -12.83 -7.74 10.70
CA ARG B 83 -13.12 -6.32 10.82
C ARG B 83 -12.74 -5.86 12.22
N GLU B 84 -13.02 -6.70 13.23
CA GLU B 84 -12.71 -6.42 14.61
C GLU B 84 -11.20 -6.39 14.81
N LYS B 85 -10.48 -7.24 14.07
CA LYS B 85 -9.03 -7.29 14.09
C LYS B 85 -8.46 -5.97 13.58
N ILE B 86 -9.07 -5.46 12.50
CA ILE B 86 -8.69 -4.17 11.95
C ILE B 86 -9.12 -3.07 12.90
N GLU B 87 -10.34 -3.21 13.44
CA GLU B 87 -10.86 -2.27 14.43
C GLU B 87 -9.80 -2.05 15.50
N THR B 88 -9.28 -3.16 16.04
CA THR B 88 -8.19 -3.16 17.01
C THR B 88 -6.98 -2.44 16.43
N GLU B 89 -6.53 -2.87 15.24
CA GLU B 89 -5.32 -2.33 14.63
C GLU B 89 -5.41 -0.81 14.57
N LEU B 90 -6.53 -0.30 14.04
CA LEU B 90 -6.73 1.13 13.87
C LEU B 90 -6.74 1.82 15.23
N ARG B 91 -7.44 1.21 16.18
CA ARG B 91 -7.54 1.73 17.54
C ARG B 91 -6.13 1.92 18.10
N ASP B 92 -5.32 0.86 18.03
CA ASP B 92 -3.95 0.90 18.51
C ASP B 92 -3.18 2.04 17.84
N ILE B 93 -3.36 2.16 16.52
CA ILE B 93 -2.69 3.17 15.72
C ILE B 93 -3.26 4.56 16.05
N CYS B 94 -4.57 4.61 16.28
CA CYS B 94 -5.23 5.85 16.65
C CYS B 94 -4.79 6.30 18.03
N ASN B 95 -4.80 5.37 18.98
CA ASN B 95 -4.38 5.64 20.35
C ASN B 95 -2.91 6.05 20.37
N ASP B 96 -2.10 5.42 19.53
CA ASP B 96 -0.67 5.74 19.43
C ASP B 96 -0.50 7.21 19.05
N VAL B 97 -1.19 7.63 17.98
CA VAL B 97 -1.19 9.01 17.52
C VAL B 97 -1.74 9.91 18.62
N LEU B 98 -2.75 9.41 19.34
CA LEU B 98 -3.36 10.15 20.45
C LEU B 98 -2.34 10.32 21.58
N SER B 99 -1.68 9.22 21.94
CA SER B 99 -0.65 9.21 22.97
C SER B 99 0.43 10.24 22.62
N LEU B 100 0.82 10.29 21.34
CA LEU B 100 1.76 11.27 20.84
C LEU B 100 1.16 12.67 20.92
N LEU B 101 -0.13 12.79 20.60
CA LEU B 101 -0.80 14.08 20.52
C LEU B 101 -1.21 14.59 21.91
N GLU B 102 -1.73 13.70 22.77
CA GLU B 102 -2.24 14.11 24.07
C GLU B 102 -1.12 14.19 25.10
N LYS B 103 -0.03 13.45 24.87
CA LYS B 103 1.12 13.53 25.76
C LYS B 103 1.90 14.79 25.45
N PHE B 104 2.54 14.84 24.27
CA PHE B 104 3.46 15.92 23.95
C PHE B 104 3.36 16.29 22.46
N LEU B 105 2.15 16.60 21.99
CA LEU B 105 1.97 17.04 20.61
C LEU B 105 1.33 18.41 20.56
N ILE B 106 0.35 18.65 21.44
CA ILE B 106 -0.31 19.94 21.53
C ILE B 106 0.40 20.79 22.58
N PRO B 107 0.82 20.22 23.73
CA PRO B 107 1.51 21.00 24.78
C PRO B 107 2.92 21.44 24.40
N ASN B 108 3.57 20.69 23.50
CA ASN B 108 4.93 20.99 23.08
C ASN B 108 4.90 22.01 21.94
N ALA B 109 3.87 21.93 21.09
CA ALA B 109 3.68 22.86 19.98
C ALA B 109 3.80 24.29 20.50
N SER B 110 4.64 25.09 19.81
CA SER B 110 4.95 26.43 20.27
C SER B 110 4.09 27.47 19.55
N GLN B 111 3.85 27.23 18.26
CA GLN B 111 3.16 28.18 17.40
C GLN B 111 1.65 28.13 17.68
N ALA B 112 0.93 29.06 17.04
CA ALA B 112 -0.52 29.17 17.18
C ALA B 112 -1.21 28.42 16.05
N GLU B 113 -0.69 28.56 14.83
CA GLU B 113 -1.24 27.95 13.63
C GLU B 113 -1.12 26.43 13.72
N SER B 114 -0.08 25.99 14.43
CA SER B 114 0.20 24.57 14.66
C SER B 114 -0.83 23.96 15.60
N LYS B 115 -1.24 24.73 16.62
CA LYS B 115 -2.21 24.29 17.61
C LYS B 115 -3.43 23.71 16.88
N VAL B 116 -4.02 24.53 16.02
CA VAL B 116 -5.10 24.14 15.13
C VAL B 116 -4.78 22.76 14.56
N PHE B 117 -3.63 22.67 13.91
CA PHE B 117 -3.27 21.49 13.14
C PHE B 117 -3.39 20.23 13.99
N TYR B 118 -2.63 20.16 15.10
CA TYR B 118 -2.55 18.94 15.89
C TYR B 118 -3.93 18.61 16.47
N LEU B 119 -4.69 19.64 16.84
CA LEU B 119 -6.06 19.48 17.33
C LEU B 119 -6.94 18.94 16.22
N LYS B 120 -6.70 19.40 14.98
CA LYS B 120 -7.42 18.91 13.81
C LYS B 120 -7.20 17.41 13.70
N MET B 121 -6.00 16.96 14.10
CA MET B 121 -5.67 15.55 14.14
C MET B 121 -6.55 14.87 15.20
N LYS B 122 -6.72 15.53 16.35
CA LYS B 122 -7.55 14.98 17.41
C LYS B 122 -8.98 14.79 16.88
N GLY B 123 -9.48 15.83 16.20
CA GLY B 123 -10.78 15.80 15.55
C GLY B 123 -10.84 14.77 14.43
N ASP B 124 -9.69 14.51 13.81
CA ASP B 124 -9.59 13.47 12.80
C ASP B 124 -9.57 12.11 13.49
N TYR B 125 -8.58 11.92 14.38
CA TYR B 125 -8.19 10.60 14.84
C TYR B 125 -9.24 10.03 15.80
N TYR B 126 -9.90 10.90 16.55
CA TYR B 126 -11.01 10.47 17.39
C TYR B 126 -12.20 10.08 16.51
N ARG B 127 -12.47 10.89 15.48
CA ARG B 127 -13.51 10.57 14.51
C ARG B 127 -13.27 9.16 13.95
N TYR B 128 -12.00 8.85 13.63
CA TYR B 128 -11.69 7.53 13.12
C TYR B 128 -12.14 6.51 14.16
N LEU B 129 -11.88 6.84 15.43
CA LEU B 129 -12.21 5.95 16.53
C LEU B 129 -13.73 5.74 16.59
N ALA B 130 -14.49 6.83 16.41
CA ALA B 130 -15.95 6.78 16.49
C ALA B 130 -16.49 5.79 15.46
N GLU B 131 -16.07 5.96 14.21
CA GLU B 131 -16.42 5.07 13.11
C GLU B 131 -16.32 3.61 13.56
N VAL B 132 -15.21 3.27 14.23
CA VAL B 132 -14.93 1.91 14.64
C VAL B 132 -15.40 1.66 16.07
N ALA B 133 -15.63 2.75 16.83
CA ALA B 133 -16.04 2.64 18.21
C ALA B 133 -17.40 1.94 18.29
N ALA B 134 -17.38 0.67 18.72
CA ALA B 134 -18.59 -0.11 18.86
C ALA B 134 -19.27 0.23 20.19
N GLY B 135 -20.39 -0.45 20.46
CA GLY B 135 -21.09 -0.35 21.73
C GLY B 135 -21.52 1.08 22.05
N ASP B 136 -21.61 1.38 23.35
CA ASP B 136 -22.06 2.67 23.83
C ASP B 136 -20.89 3.61 24.04
N ASP B 137 -19.67 3.05 23.97
CA ASP B 137 -18.43 3.77 24.22
C ASP B 137 -18.26 4.87 23.18
N LYS B 138 -18.79 4.64 21.96
CA LYS B 138 -18.71 5.59 20.87
C LYS B 138 -19.13 6.98 21.35
N LYS B 139 -20.34 7.07 21.92
CA LYS B 139 -20.94 8.31 22.35
C LYS B 139 -19.86 9.27 22.88
N GLY B 140 -19.07 8.82 23.86
CA GLY B 140 -18.03 9.61 24.47
C GLY B 140 -16.90 9.94 23.49
N ILE B 141 -16.45 8.92 22.75
CA ILE B 141 -15.37 9.04 21.77
C ILE B 141 -15.74 10.08 20.73
N VAL B 142 -17.04 10.14 20.39
CA VAL B 142 -17.56 11.13 19.45
C VAL B 142 -17.39 12.53 20.05
N ASP B 143 -17.66 12.64 21.35
CA ASP B 143 -17.51 13.90 22.06
C ASP B 143 -16.04 14.31 22.05
N GLN B 144 -15.15 13.31 22.12
CA GLN B 144 -13.71 13.53 22.10
C GLN B 144 -13.36 14.35 20.86
N SER B 145 -13.83 13.86 19.71
CA SER B 145 -13.59 14.49 18.41
C SER B 145 -14.27 15.85 18.35
N GLN B 146 -15.46 15.95 18.96
CA GLN B 146 -16.24 17.18 18.98
C GLN B 146 -15.51 18.24 19.81
N GLN B 147 -15.13 17.88 21.04
CA GLN B 147 -14.39 18.74 21.94
C GLN B 147 -13.08 19.19 21.28
N ALA B 148 -12.49 18.28 20.49
CA ALA B 148 -11.22 18.52 19.83
C ALA B 148 -11.40 19.43 18.62
N TYR B 149 -12.19 18.97 17.64
CA TYR B 149 -12.37 19.67 16.38
C TYR B 149 -13.04 21.03 16.60
N GLN B 150 -13.81 21.14 17.68
CA GLN B 150 -14.38 22.44 18.05
C GLN B 150 -13.31 23.28 18.71
N GLU B 151 -12.51 22.66 19.58
CA GLU B 151 -11.44 23.38 20.28
C GLU B 151 -10.47 23.99 19.28
N ALA B 152 -10.14 23.23 18.23
CA ALA B 152 -9.22 23.70 17.19
C ALA B 152 -9.90 24.76 16.33
N PHE B 153 -11.24 24.75 16.30
CA PHE B 153 -12.01 25.69 15.52
C PHE B 153 -11.98 27.07 16.18
N GLU B 154 -11.81 27.11 17.51
CA GLU B 154 -11.77 28.34 18.27
C GLU B 154 -10.43 29.04 18.05
N ILE B 155 -9.37 28.24 17.88
CA ILE B 155 -8.02 28.76 17.69
C ILE B 155 -7.85 29.14 16.22
N SER B 156 -8.56 28.46 15.32
CA SER B 156 -8.49 28.74 13.90
C SER B 156 -9.51 29.81 13.50
N LYS B 157 -10.55 29.97 14.32
CA LYS B 157 -11.59 30.96 14.04
C LYS B 157 -11.15 32.32 14.57
N LYS B 158 -11.36 33.35 13.75
CA LYS B 158 -10.95 34.73 14.00
C LYS B 158 -9.49 34.81 14.45
N GLU B 159 -8.66 33.91 13.90
CA GLU B 159 -7.25 33.83 14.25
C GLU B 159 -6.38 33.71 13.01
N MET B 160 -6.87 32.96 12.01
CA MET B 160 -6.21 32.85 10.71
C MET B 160 -7.24 33.06 9.61
N GLN B 161 -6.77 33.57 8.46
CA GLN B 161 -7.63 33.92 7.35
C GLN B 161 -8.24 32.65 6.75
N PRO B 162 -9.50 32.68 6.28
CA PRO B 162 -10.10 31.51 5.63
C PRO B 162 -9.13 30.92 4.60
N THR B 163 -8.32 31.80 4.01
CA THR B 163 -7.27 31.42 3.06
C THR B 163 -6.40 30.30 3.63
N HIS B 164 -6.14 30.35 4.95
CA HIS B 164 -5.31 29.33 5.58
C HIS B 164 -5.84 27.96 5.18
N PRO B 165 -4.97 27.06 4.65
CA PRO B 165 -5.34 25.69 4.34
C PRO B 165 -5.52 24.79 5.56
N ILE B 166 -4.93 25.21 6.69
CA ILE B 166 -5.04 24.45 7.93
C ILE B 166 -6.35 24.83 8.62
N ARG B 167 -6.79 26.07 8.44
CA ARG B 167 -8.09 26.49 8.94
C ARG B 167 -9.18 25.87 8.08
N LEU B 168 -8.91 25.74 6.78
CA LEU B 168 -9.90 25.23 5.85
C LEU B 168 -9.94 23.70 5.93
N GLY B 169 -8.75 23.11 6.13
CA GLY B 169 -8.66 21.68 6.36
C GLY B 169 -9.46 21.27 7.59
N LEU B 170 -9.44 22.14 8.61
CA LEU B 170 -10.24 21.93 9.80
C LEU B 170 -11.72 21.93 9.42
N ALA B 171 -12.13 22.96 8.67
CA ALA B 171 -13.49 23.05 8.16
C ALA B 171 -13.91 21.70 7.58
N LEU B 172 -13.19 21.26 6.54
CA LEU B 172 -13.44 19.99 5.88
C LEU B 172 -13.72 18.92 6.92
N ASN B 173 -12.74 18.67 7.79
CA ASN B 173 -12.76 17.49 8.64
C ASN B 173 -13.85 17.60 9.71
N PHE B 174 -14.07 18.81 10.23
CA PHE B 174 -15.08 19.02 11.27
C PHE B 174 -16.47 18.89 10.66
N SER B 175 -16.62 19.39 9.42
CA SER B 175 -17.86 19.25 8.67
C SER B 175 -18.16 17.76 8.43
N VAL B 176 -17.15 17.04 7.92
CA VAL B 176 -17.30 15.62 7.64
C VAL B 176 -17.45 14.87 8.96
N PHE B 177 -17.11 15.51 10.08
CA PHE B 177 -17.37 14.90 11.37
C PHE B 177 -18.85 15.03 11.71
N TYR B 178 -19.38 16.24 11.52
CA TYR B 178 -20.79 16.52 11.78
C TYR B 178 -21.68 15.66 10.89
N TYR B 179 -21.27 15.49 9.63
CA TYR B 179 -22.07 14.73 8.68
C TYR B 179 -21.90 13.23 8.92
N GLU B 180 -20.65 12.76 8.84
CA GLU B 180 -20.38 11.33 8.77
C GLU B 180 -20.60 10.65 10.12
N ILE B 181 -20.29 11.36 11.23
CA ILE B 181 -20.31 10.74 12.54
C ILE B 181 -21.57 11.12 13.29
N LEU B 182 -21.76 12.43 13.48
CA LEU B 182 -22.91 12.95 14.22
C LEU B 182 -24.16 12.84 13.36
N ASN B 183 -23.97 12.62 12.05
CA ASN B 183 -25.04 12.47 11.09
C ASN B 183 -26.01 13.65 11.24
N SER B 184 -25.43 14.85 11.34
CA SER B 184 -26.18 16.07 11.53
C SER B 184 -25.97 16.97 10.33
N PRO B 185 -26.36 16.52 9.10
CA PRO B 185 -26.10 17.25 7.87
C PRO B 185 -26.36 18.77 7.96
N GLU B 186 -27.45 19.12 8.64
CA GLU B 186 -27.86 20.51 8.82
C GLU B 186 -26.72 21.32 9.45
N LYS B 187 -26.10 20.74 10.48
CA LYS B 187 -25.02 21.38 11.22
C LYS B 187 -23.73 21.33 10.41
N ALA B 188 -23.53 20.21 9.71
CA ALA B 188 -22.36 20.04 8.86
C ALA B 188 -22.33 21.13 7.80
N CYS B 189 -23.41 21.25 7.03
CA CYS B 189 -23.54 22.23 5.96
C CYS B 189 -23.39 23.65 6.51
N SER B 190 -23.87 23.88 7.73
CA SER B 190 -23.71 25.14 8.42
C SER B 190 -22.23 25.49 8.51
N LEU B 191 -21.45 24.61 9.16
CA LEU B 191 -20.03 24.80 9.38
C LEU B 191 -19.31 25.03 8.06
N ALA B 192 -19.67 24.20 7.07
CA ALA B 192 -19.07 24.24 5.75
C ALA B 192 -19.28 25.62 5.13
N LYS B 193 -20.56 26.01 4.96
CA LYS B 193 -20.90 27.33 4.44
C LYS B 193 -20.12 28.40 5.20
N THR B 194 -20.19 28.36 6.54
CA THR B 194 -19.52 29.28 7.43
C THR B 194 -18.06 29.46 7.01
N ALA B 195 -17.33 28.34 6.94
CA ALA B 195 -15.92 28.34 6.60
C ALA B 195 -15.71 28.86 5.19
N PHE B 196 -16.41 28.26 4.22
CA PHE B 196 -16.32 28.62 2.81
C PHE B 196 -16.65 30.09 2.60
N ASP B 197 -17.76 30.56 3.19
CA ASP B 197 -18.20 31.94 3.12
C ASP B 197 -17.08 32.88 3.57
N GLU B 198 -16.62 32.69 4.81
CA GLU B 198 -15.58 33.53 5.40
C GLU B 198 -14.34 33.44 4.52
N ALA B 199 -14.13 32.26 3.94
CA ALA B 199 -12.92 31.96 3.17
C ALA B 199 -12.93 32.69 1.84
N ILE B 200 -14.12 33.07 1.37
CA ILE B 200 -14.29 33.82 0.14
C ILE B 200 -13.78 35.25 0.34
N ALA B 201 -14.08 35.81 1.52
CA ALA B 201 -13.70 37.17 1.85
C ALA B 201 -12.24 37.24 2.27
N GLU B 202 -11.42 36.35 1.69
CA GLU B 202 -10.00 36.28 2.00
C GLU B 202 -9.20 36.38 0.70
N LEU B 203 -7.94 36.81 0.81
CA LEU B 203 -7.12 37.15 -0.33
C LEU B 203 -5.67 36.70 -0.11
N ASP B 204 -5.23 35.75 -0.94
CA ASP B 204 -3.90 35.17 -0.82
C ASP B 204 -3.28 34.94 -2.20
N THR B 205 -2.03 35.40 -2.35
CA THR B 205 -1.27 35.27 -3.58
C THR B 205 -0.60 33.89 -3.63
N GLU B 209 2.57 28.17 -0.81
CA GLU B 209 1.59 27.32 -1.55
C GLU B 209 0.20 27.51 -0.94
N SER B 210 -0.31 28.74 -1.05
CA SER B 210 -1.66 29.06 -0.61
C SER B 210 -2.54 29.28 -1.83
N TYR B 211 -1.88 29.49 -2.98
CA TYR B 211 -2.52 29.73 -4.25
C TYR B 211 -3.42 28.55 -4.62
N LYS B 212 -2.81 27.37 -4.76
CA LYS B 212 -3.51 26.15 -5.13
C LYS B 212 -3.76 25.29 -3.88
N ASP B 213 -2.72 25.18 -3.04
CA ASP B 213 -2.76 24.26 -1.92
C ASP B 213 -3.88 24.61 -0.96
N SER B 214 -4.39 25.85 -1.06
CA SER B 214 -5.46 26.34 -0.21
C SER B 214 -6.74 26.51 -1.01
N THR B 215 -6.69 26.12 -2.30
CA THR B 215 -7.81 26.28 -3.20
C THR B 215 -8.55 24.96 -3.33
N LEU B 216 -7.81 23.85 -3.20
CA LEU B 216 -8.36 22.52 -3.34
C LEU B 216 -9.21 22.20 -2.11
N ILE B 217 -8.78 22.73 -0.96
CA ILE B 217 -9.52 22.52 0.28
C ILE B 217 -10.92 23.07 0.11
N MET B 218 -11.01 24.29 -0.44
CA MET B 218 -12.26 24.99 -0.67
C MET B 218 -13.14 24.20 -1.64
N GLN B 219 -12.50 23.64 -2.67
CA GLN B 219 -13.19 22.93 -3.74
C GLN B 219 -13.89 21.70 -3.16
N LEU B 220 -13.33 21.14 -2.08
CA LEU B 220 -13.90 19.99 -1.42
C LEU B 220 -15.12 20.42 -0.61
N LEU B 221 -14.99 21.51 0.14
CA LEU B 221 -16.10 22.05 0.90
C LEU B 221 -17.30 22.18 -0.02
N ARG B 222 -17.12 22.92 -1.12
CA ARG B 222 -18.15 23.15 -2.10
C ARG B 222 -18.74 21.83 -2.59
N ASP B 223 -17.86 20.84 -2.83
CA ASP B 223 -18.28 19.53 -3.31
C ASP B 223 -19.16 18.85 -2.25
N ASN B 224 -18.72 18.93 -1.00
CA ASN B 224 -19.44 18.35 0.12
C ASN B 224 -20.77 19.08 0.30
N LEU B 225 -20.70 20.42 0.35
CA LEU B 225 -21.88 21.24 0.42
C LEU B 225 -22.87 20.79 -0.65
N THR B 226 -22.38 20.55 -1.88
CA THR B 226 -23.20 20.10 -2.99
C THR B 226 -23.75 18.70 -2.71
N LEU B 227 -22.88 17.81 -2.21
CA LEU B 227 -23.26 16.44 -1.94
C LEU B 227 -24.38 16.42 -0.89
N TRP B 228 -24.23 17.28 0.12
CA TRP B 228 -25.16 17.31 1.25
C TRP B 228 -26.31 18.27 0.95
N THR B 229 -26.28 18.92 -0.22
CA THR B 229 -27.35 19.77 -0.71
C THR B 229 -28.50 18.87 -1.21
N SER B 230 -28.12 17.76 -1.85
CA SER B 230 -29.08 16.82 -2.41
C SER B 230 -29.48 15.79 -1.35
N GLY C 1 -6.67 -11.44 -11.80
CA GLY C 1 -5.75 -10.47 -12.47
C GLY C 1 -4.97 -11.13 -13.59
N R6E C 2 -4.73 -10.44 -14.62
CA R6E C 2 -3.93 -10.84 -15.77
C R6E C 2 -2.46 -10.91 -15.32
O R6E C 2 -1.93 -12.21 -15.32
CB R6E C 2 -4.45 -12.17 -16.31
CB2 R6E C 2 -4.04 -9.83 -16.90
CG R6E C 2 -3.43 -13.31 -16.23
CG2 R6E C 2 -3.09 -10.14 -18.05
CD R6E C 2 -4.10 -14.66 -16.04
CE R6E C 2 -4.92 -14.75 -14.77
CZ R6E C 2 -4.55 -16.00 -13.98
CH R6E C 2 -4.29 -15.68 -12.52
N LEU C 3 -1.93 -9.81 -15.08
CA LEU C 3 -0.48 -9.79 -14.73
C LEU C 3 -0.33 -9.85 -13.20
N ASP C 4 -1.39 -9.46 -12.50
CA ASP C 4 -1.37 -9.44 -11.03
C ASP C 4 -1.24 -10.87 -10.52
C2 6ZS C 5 -3.05 -15.02 -12.13
N 6ZS C 5 -1.96 -11.85 -10.88
CA 6ZS C 5 -1.90 -13.30 -10.62
CB1 6ZS C 5 -1.72 -13.54 -9.13
C 6ZS C 5 -0.71 -13.88 -11.38
O 6ZS C 5 -0.31 -15.11 -10.88
CB 6ZS C 5 -3.20 -13.98 -11.04
N LEU C 6 0.04 -13.30 -12.19
CA LEU C 6 1.19 -13.89 -12.93
C LEU C 6 2.47 -13.18 -12.50
N ASP C 7 2.30 -12.00 -11.90
CA ASP C 7 3.39 -11.25 -11.29
C ASP C 7 4.39 -10.84 -12.37
N LEU C 8 4.00 -9.83 -13.16
CA LEU C 8 4.77 -9.39 -14.33
C LEU C 8 5.18 -7.93 -14.13
N GLY D 1 1.10 16.14 0.67
CA GLY D 1 1.91 17.20 1.34
C GLY D 1 1.07 18.41 1.72
N R6E D 2 0.00 18.65 1.06
CA R6E D 2 -0.97 19.74 1.09
C R6E D 2 -2.39 19.20 1.28
O R6E D 2 -3.32 20.14 1.76
CB R6E D 2 -0.56 20.64 2.26
CG R6E D 2 -1.22 22.01 2.35
CD R6E D 2 -1.57 22.33 3.80
CE R6E D 2 -1.66 21.06 4.65
CZ R6E D 2 -0.29 20.59 5.13
CH R6E D 2 -0.42 19.80 6.43
N LEU D 3 -2.77 18.13 0.74
CA LEU D 3 -4.08 17.46 0.92
C LEU D 3 -3.95 16.34 1.95
N ASP D 4 -2.85 15.58 1.86
CA ASP D 4 -2.63 14.41 2.69
C ASP D 4 -2.05 14.85 4.04
C2 6ZS D 5 0.31 18.54 6.35
N 6ZS D 5 -1.24 15.80 4.21
CA 6ZS D 5 -0.78 16.46 5.43
C 6ZS D 5 -1.97 16.82 6.32
O 6ZS D 5 -1.93 16.09 7.51
CB 6ZS D 5 -0.07 17.76 5.08
N LEU D 6 -2.95 17.41 5.84
CA LEU D 6 -4.17 17.87 6.56
C LEU D 6 -5.29 16.82 6.49
N ASP D 7 -5.03 15.65 5.90
CA ASP D 7 -6.01 14.56 5.79
C ASP D 7 -7.34 15.05 5.24
N LEU D 8 -7.36 15.38 3.94
CA LEU D 8 -8.52 15.92 3.24
C LEU D 8 -8.99 17.20 3.94
#